data_8Y65
#
_entry.id   8Y65
#
_cell.length_a   1.00
_cell.length_b   1.00
_cell.length_c   1.00
_cell.angle_alpha   90.00
_cell.angle_beta   90.00
_cell.angle_gamma   90.00
#
_symmetry.space_group_name_H-M   'P 1'
#
loop_
_entity.id
_entity.type
_entity.pdbx_description
1 polymer 'Solute carrier family 2, facilitated glucose transporter member 9'
2 non-polymer 'URIC ACID'
#
_entity_poly.entity_id   1
_entity_poly.type   'polypeptide(L)'
_entity_poly.pdbx_seq_one_letter_code
;MASWSHPQFEKGGGARGGSGGGSWSHPQFEKGFDYKDDDDKGTARKQNRNSKELGLVPLTDDTSHAGPPGPGRALLECDH
LRSGVPGGRRRKDWSCSLLVASLAGAFGSSFLYGYNLSVVNAPTPYIKAFYNESWERRHGRPIDPDTLTLLWSVTVSIFA
IGGLVGTLIVKMIGKVLGRKHTLLANNGFAISAALLMACSLQAGAFEMLIVGRFIMGIDGGVALSVLPMYLSEISPKEIR
GSLGQVTAIFICIGVFTGQLLGLPELLGKESTWPYLFGVIVVPAVVQLLSLPFLPDSPRYLLLEKHNEARAVKAFQTFLG
KADVSQEVEEVLAESRVQRSIRLVSVLELLRAPYVRWQVVTVIVTMACYQLCGLNAIWFYTNSIFGKAGIPPAKIPYVTL
STGGIETLAAVFSGLVIEHLGRRPLLIGGFGLMGLFFGTLTITLTLQDHAPWVPYLSIVGILAIIASFCSGPGGIPFILT
GEFFQQSQRPAAFIIAGTVNWLSNFAVGLLFPFIQKSLDTYCFLVFATICITGAIYLYFVLPETKNRTYAEISQAFSKRN
KAYPPEEKIDSAVTDGKINGRP
;
_entity_poly.pdbx_strand_id   A
#
# COMPACT_ATOMS: atom_id res chain seq x y z
N CYS A 96 -22.69 4.01 -14.77
CA CYS A 96 -23.54 2.86 -14.45
C CYS A 96 -22.69 1.63 -14.18
N SER A 97 -22.52 0.81 -15.23
CA SER A 97 -21.78 -0.44 -15.08
C SER A 97 -20.33 -0.17 -14.67
N LEU A 98 -19.69 0.82 -15.31
CA LEU A 98 -18.30 1.12 -15.00
C LEU A 98 -18.15 1.58 -13.56
N LEU A 99 -19.02 2.48 -13.11
CA LEU A 99 -18.96 2.97 -11.73
C LEU A 99 -19.20 1.84 -10.74
N VAL A 100 -20.18 0.99 -11.01
CA VAL A 100 -20.48 -0.12 -10.09
C VAL A 100 -19.30 -1.08 -10.01
N ALA A 101 -18.72 -1.43 -11.16
CA ALA A 101 -17.59 -2.34 -11.17
C ALA A 101 -16.40 -1.75 -10.45
N SER A 102 -16.10 -0.47 -10.69
CA SER A 102 -14.96 0.16 -10.03
C SER A 102 -15.17 0.19 -8.52
N LEU A 103 -16.37 0.57 -8.08
CA LEU A 103 -16.65 0.61 -6.64
C LEU A 103 -16.52 -0.77 -6.02
N ALA A 104 -17.08 -1.80 -6.67
CA ALA A 104 -17.01 -3.14 -6.11
C ALA A 104 -15.57 -3.62 -6.00
N GLY A 105 -14.80 -3.46 -7.08
CA GLY A 105 -13.40 -3.91 -7.04
C GLY A 105 -12.58 -3.16 -6.01
N ALA A 106 -12.77 -1.84 -5.92
CA ALA A 106 -12.04 -1.05 -4.94
C ALA A 106 -12.39 -1.48 -3.53
N PHE A 107 -13.68 -1.55 -3.21
CA PHE A 107 -14.11 -1.97 -1.88
C PHE A 107 -13.71 -3.40 -1.57
N GLY A 108 -13.45 -4.22 -2.60
CA GLY A 108 -13.02 -5.58 -2.35
C GLY A 108 -11.53 -5.74 -2.13
N SER A 109 -10.71 -4.89 -2.75
CA SER A 109 -9.26 -5.04 -2.65
C SER A 109 -8.60 -3.91 -1.87
N SER A 110 -8.78 -2.66 -2.31
CA SER A 110 -8.07 -1.56 -1.66
C SER A 110 -8.64 -1.27 -0.27
N PHE A 111 -9.95 -1.45 -0.11
CA PHE A 111 -10.56 -1.29 1.21
C PHE A 111 -9.98 -2.30 2.19
N LEU A 112 -9.83 -3.55 1.76
CA LEU A 112 -9.24 -4.57 2.62
C LEU A 112 -7.78 -4.25 2.93
N TYR A 113 -7.02 -3.80 1.91
CA TYR A 113 -5.62 -3.46 2.15
C TYR A 113 -5.50 -2.34 3.17
N GLY A 114 -6.32 -1.29 3.02
CA GLY A 114 -6.28 -0.20 3.98
C GLY A 114 -6.71 -0.62 5.36
N TYR A 115 -7.73 -1.48 5.46
CA TYR A 115 -8.19 -1.94 6.76
C TYR A 115 -7.11 -2.75 7.46
N ASN A 116 -6.50 -3.69 6.75
CA ASN A 116 -5.43 -4.48 7.35
C ASN A 116 -4.16 -3.69 7.59
N LEU A 117 -4.01 -2.53 6.95
CA LEU A 117 -2.85 -1.69 7.24
C LEU A 117 -3.03 -0.95 8.56
N SER A 118 -4.27 -0.70 8.97
CA SER A 118 -4.57 0.14 10.12
C SER A 118 -5.59 -0.51 11.04
N VAL A 119 -5.39 -1.79 11.36
CA VAL A 119 -6.25 -2.51 12.30
C VAL A 119 -5.45 -3.14 13.43
N VAL A 120 -4.12 -3.14 13.36
CA VAL A 120 -3.29 -3.85 14.34
C VAL A 120 -2.91 -2.97 15.52
N ASN A 121 -3.23 -1.68 15.48
CA ASN A 121 -2.80 -0.74 16.53
C ASN A 121 -3.76 -0.68 17.71
N ALA A 122 -5.07 -0.64 17.45
CA ALA A 122 -6.04 -0.46 18.53
C ALA A 122 -6.05 -1.60 19.53
N PRO A 123 -6.11 -2.90 19.14
CA PRO A 123 -6.22 -3.95 20.16
C PRO A 123 -4.88 -4.41 20.71
N THR A 124 -3.84 -3.60 20.54
CA THR A 124 -2.48 -4.04 20.89
C THR A 124 -2.34 -4.49 22.34
N PRO A 125 -2.76 -3.72 23.36
CA PRO A 125 -2.59 -4.22 24.74
C PRO A 125 -3.33 -5.51 25.01
N TYR A 126 -4.53 -5.68 24.43
CA TYR A 126 -5.28 -6.91 24.63
C TYR A 126 -4.56 -8.11 24.01
N ILE A 127 -3.97 -7.92 22.82
CA ILE A 127 -3.20 -8.99 22.21
C ILE A 127 -1.96 -9.30 23.03
N LYS A 128 -1.34 -8.26 23.62
CA LYS A 128 -0.20 -8.50 24.51
C LYS A 128 -0.61 -9.35 25.70
N ALA A 129 -1.75 -9.03 26.32
CA ALA A 129 -2.21 -9.81 27.46
C ALA A 129 -2.53 -11.25 27.06
N PHE A 130 -3.16 -11.42 25.90
CA PHE A 130 -3.46 -12.76 25.41
C PHE A 130 -2.18 -13.56 25.16
N TYR A 131 -1.18 -12.92 24.56
CA TYR A 131 0.10 -13.58 24.33
C TYR A 131 0.75 -14.00 25.64
N ASN A 132 0.73 -13.10 26.62
CA ASN A 132 1.34 -13.40 27.92
C ASN A 132 0.64 -14.58 28.58
N GLU A 133 -0.70 -14.57 28.58
CA GLU A 133 -1.43 -15.66 29.21
C GLU A 133 -1.20 -16.98 28.49
N SER A 134 -1.19 -16.96 27.15
CA SER A 134 -0.97 -18.18 26.40
C SER A 134 0.41 -18.76 26.67
N TRP A 135 1.44 -17.91 26.65
CA TRP A 135 2.79 -18.40 26.92
C TRP A 135 2.88 -18.95 28.34
N GLU A 136 2.25 -18.27 29.30
CA GLU A 136 2.27 -18.73 30.68
C GLU A 136 1.62 -20.10 30.81
N ARG A 137 0.49 -20.31 30.12
CA ARG A 137 -0.20 -21.60 30.29
C ARG A 137 0.50 -22.72 29.55
N ARG A 138 1.11 -22.43 28.39
CA ARG A 138 1.79 -23.48 27.65
C ARG A 138 3.13 -23.85 28.27
N HIS A 139 3.91 -22.86 28.72
CA HIS A 139 5.27 -23.13 29.17
C HIS A 139 5.48 -22.95 30.67
N GLY A 140 4.61 -22.23 31.36
CA GLY A 140 4.72 -22.07 32.79
C GLY A 140 5.63 -20.96 33.25
N ARG A 141 6.16 -20.14 32.34
CA ARG A 141 7.07 -19.06 32.70
C ARG A 141 6.62 -17.76 32.05
N PRO A 142 6.81 -16.63 32.71
CA PRO A 142 6.38 -15.35 32.14
C PRO A 142 7.28 -14.90 31.00
N ILE A 143 6.79 -13.91 30.26
CA ILE A 143 7.52 -13.36 29.12
C ILE A 143 8.26 -12.11 29.56
N ASP A 144 9.56 -12.05 29.26
CA ASP A 144 10.29 -10.81 29.43
C ASP A 144 9.89 -9.81 28.34
N PRO A 145 9.92 -8.51 28.64
CA PRO A 145 9.37 -7.53 27.67
C PRO A 145 9.98 -7.60 26.29
N ASP A 146 11.28 -7.91 26.19
CA ASP A 146 11.93 -7.95 24.88
C ASP A 146 11.36 -9.08 24.02
N THR A 147 11.12 -10.25 24.61
CA THR A 147 10.55 -11.36 23.84
C THR A 147 9.15 -11.03 23.34
N LEU A 148 8.33 -10.42 24.19
CA LEU A 148 6.98 -10.04 23.78
C LEU A 148 7.02 -8.98 22.69
N THR A 149 7.94 -8.03 22.80
CA THR A 149 8.08 -7.01 21.76
C THR A 149 8.49 -7.64 20.44
N LEU A 150 9.42 -8.61 20.48
CA LEU A 150 9.83 -9.29 19.26
C LEU A 150 8.68 -10.06 18.64
N LEU A 151 7.90 -10.78 19.47
CA LEU A 151 6.76 -11.51 18.94
C LEU A 151 5.73 -10.58 18.31
N TRP A 152 5.46 -9.45 18.97
CA TRP A 152 4.51 -8.48 18.41
C TRP A 152 5.03 -7.90 17.10
N SER A 153 6.34 -7.62 17.04
CA SER A 153 6.92 -7.11 15.81
C SER A 153 6.79 -8.11 14.67
N VAL A 154 7.05 -9.39 14.96
CA VAL A 154 6.89 -10.42 13.94
C VAL A 154 5.44 -10.50 13.49
N THR A 155 4.50 -10.47 14.43
CA THR A 155 3.09 -10.54 14.09
C THR A 155 2.68 -9.38 13.20
N VAL A 156 3.17 -8.17 13.50
CA VAL A 156 2.79 -7.00 12.72
C VAL A 156 3.44 -7.05 11.33
N SER A 157 4.70 -7.47 11.26
CA SER A 157 5.50 -7.33 10.05
C SER A 157 5.44 -8.54 9.13
N ILE A 158 4.81 -9.65 9.53
CA ILE A 158 4.69 -10.78 8.61
C ILE A 158 3.77 -10.45 7.44
N PHE A 159 2.96 -9.40 7.55
CA PHE A 159 2.11 -8.98 6.45
C PHE A 159 2.94 -8.61 5.22
N ALA A 160 4.10 -7.99 5.44
CA ALA A 160 4.95 -7.59 4.32
C ALA A 160 5.57 -8.80 3.62
N ILE A 161 5.94 -9.83 4.39
CA ILE A 161 6.44 -11.05 3.77
C ILE A 161 5.33 -11.74 2.99
N GLY A 162 4.11 -11.71 3.52
CA GLY A 162 2.98 -12.20 2.76
C GLY A 162 2.79 -11.45 1.45
N GLY A 163 2.90 -10.13 1.51
CA GLY A 163 2.82 -9.33 0.28
C GLY A 163 3.92 -9.68 -0.70
N LEU A 164 5.12 -9.93 -0.20
CA LEU A 164 6.23 -10.32 -1.05
C LEU A 164 5.94 -11.63 -1.78
N VAL A 165 5.49 -12.65 -1.04
CA VAL A 165 5.23 -13.94 -1.70
C VAL A 165 4.04 -13.82 -2.65
N GLY A 166 3.04 -13.00 -2.30
CA GLY A 166 1.94 -12.77 -3.21
C GLY A 166 2.36 -12.11 -4.50
N THR A 167 3.23 -11.10 -4.41
CA THR A 167 3.73 -10.44 -5.61
C THR A 167 4.60 -11.39 -6.44
N LEU A 168 5.32 -12.28 -5.77
CA LEU A 168 6.12 -13.26 -6.49
C LEU A 168 5.24 -14.25 -7.24
N ILE A 169 4.13 -14.67 -6.63
CA ILE A 169 3.28 -15.70 -7.24
C ILE A 169 2.27 -15.14 -8.24
N VAL A 170 1.93 -13.86 -8.14
CA VAL A 170 0.89 -13.30 -9.01
C VAL A 170 1.34 -13.30 -10.47
N LYS A 171 2.63 -13.10 -10.72
CA LYS A 171 3.12 -13.10 -12.10
C LYS A 171 2.87 -14.45 -12.77
N MET A 172 3.08 -15.54 -12.04
CA MET A 172 2.81 -16.86 -12.59
C MET A 172 1.31 -17.14 -12.66
N ILE A 173 0.56 -16.71 -11.65
CA ILE A 173 -0.86 -17.06 -11.59
C ILE A 173 -1.65 -16.32 -12.67
N GLY A 174 -1.21 -15.11 -13.04
CA GLY A 174 -1.96 -14.31 -13.98
C GLY A 174 -1.86 -14.73 -15.43
N LYS A 175 -0.90 -15.61 -15.76
CA LYS A 175 -0.79 -16.10 -17.12
C LYS A 175 -1.94 -17.04 -17.49
N VAL A 176 -2.63 -17.61 -16.51
CA VAL A 176 -3.71 -18.55 -16.73
C VAL A 176 -5.01 -18.08 -16.07
N LEU A 177 -4.93 -17.66 -14.80
CA LEU A 177 -6.14 -17.34 -14.05
C LEU A 177 -6.86 -16.13 -14.63
N GLY A 178 -6.11 -15.05 -14.90
CA GLY A 178 -6.72 -13.86 -15.44
C GLY A 178 -6.87 -12.74 -14.43
N ARG A 179 -7.98 -12.00 -14.49
CA ARG A 179 -8.23 -10.88 -13.60
C ARG A 179 -9.39 -11.14 -12.66
N LYS A 180 -10.57 -11.46 -13.19
CA LYS A 180 -11.73 -11.71 -12.33
C LYS A 180 -11.56 -12.99 -11.53
N HIS A 181 -11.02 -14.04 -12.16
CA HIS A 181 -10.76 -15.28 -11.43
C HIS A 181 -9.69 -15.07 -10.37
N THR A 182 -8.67 -14.25 -10.67
CA THR A 182 -7.67 -13.93 -9.67
C THR A 182 -8.27 -13.15 -8.51
N LEU A 183 -9.20 -12.24 -8.80
CA LEU A 183 -9.88 -11.50 -7.73
C LEU A 183 -10.76 -12.42 -6.89
N LEU A 184 -11.40 -13.42 -7.51
CA LEU A 184 -12.17 -14.38 -6.73
C LEU A 184 -11.28 -15.23 -5.85
N ALA A 185 -10.12 -15.65 -6.36
CA ALA A 185 -9.15 -16.35 -5.52
C ALA A 185 -8.66 -15.46 -4.39
N ASN A 186 -8.51 -14.16 -4.67
CA ASN A 186 -8.16 -13.20 -3.64
C ASN A 186 -9.23 -13.14 -2.56
N ASN A 187 -10.50 -13.16 -2.96
CA ASN A 187 -11.59 -13.19 -1.99
C ASN A 187 -11.54 -14.47 -1.15
N GLY A 188 -11.22 -15.60 -1.78
CA GLY A 188 -11.06 -16.83 -1.02
C GLY A 188 -9.96 -16.74 0.01
N PHE A 189 -8.82 -16.19 -0.38
CA PHE A 189 -7.73 -15.98 0.57
C PHE A 189 -8.17 -15.06 1.70
N ALA A 190 -8.89 -13.99 1.37
CA ALA A 190 -9.32 -13.02 2.38
C ALA A 190 -10.25 -13.67 3.40
N ILE A 191 -11.24 -14.43 2.92
CA ILE A 191 -12.19 -15.05 3.85
C ILE A 191 -11.49 -16.11 4.69
N SER A 192 -10.60 -16.90 4.09
CA SER A 192 -9.89 -17.92 4.86
C SER A 192 -9.04 -17.28 5.94
N ALA A 193 -8.30 -16.23 5.62
CA ALA A 193 -7.45 -15.60 6.62
C ALA A 193 -8.27 -14.89 7.69
N ALA A 194 -9.40 -14.29 7.31
CA ALA A 194 -10.25 -13.64 8.30
C ALA A 194 -10.81 -14.65 9.29
N LEU A 195 -11.28 -15.80 8.80
CA LEU A 195 -11.78 -16.84 9.70
C LEU A 195 -10.66 -17.45 10.51
N LEU A 196 -9.44 -17.44 9.97
CA LEU A 196 -8.29 -17.96 10.72
C LEU A 196 -7.92 -17.03 11.87
N MET A 197 -7.97 -15.71 11.65
CA MET A 197 -7.62 -14.77 12.70
C MET A 197 -8.72 -14.69 13.76
N ALA A 198 -9.98 -14.59 13.32
CA ALA A 198 -11.06 -14.30 14.26
C ALA A 198 -11.34 -15.45 15.21
N CYS A 199 -10.92 -16.67 14.88
CA CYS A 199 -11.13 -17.84 15.72
C CYS A 199 -9.83 -18.26 16.41
N SER A 200 -8.98 -17.29 16.76
CA SER A 200 -7.72 -17.58 17.44
C SER A 200 -7.86 -17.59 18.95
N LEU A 201 -8.61 -16.63 19.51
CA LEU A 201 -8.74 -16.55 20.96
C LEU A 201 -9.49 -17.74 21.52
N GLN A 202 -10.51 -18.21 20.80
CA GLN A 202 -11.32 -19.32 21.32
C GLN A 202 -10.50 -20.58 21.48
N ALA A 203 -9.77 -20.97 20.43
CA ALA A 203 -8.93 -22.16 20.52
C ALA A 203 -7.65 -21.88 21.31
N GLY A 204 -7.30 -20.62 21.50
CA GLY A 204 -6.07 -20.27 22.20
C GLY A 204 -4.81 -20.57 21.40
N ALA A 205 -4.72 -20.05 20.19
CA ALA A 205 -3.59 -20.31 19.31
C ALA A 205 -3.05 -18.99 18.78
N PHE A 206 -1.79 -18.69 19.08
CA PHE A 206 -1.16 -17.51 18.49
C PHE A 206 -0.50 -17.84 17.15
N GLU A 207 -0.07 -19.10 16.97
CA GLU A 207 0.41 -19.53 15.66
C GLU A 207 -0.68 -19.39 14.61
N MET A 208 -1.94 -19.65 15.00
CA MET A 208 -3.06 -19.48 14.10
C MET A 208 -3.19 -18.02 13.70
N LEU A 209 -2.98 -17.10 14.65
CA LEU A 209 -2.99 -15.67 14.33
C LEU A 209 -1.86 -15.31 13.38
N ILE A 210 -0.67 -15.89 13.59
CA ILE A 210 0.47 -15.60 12.71
C ILE A 210 0.15 -16.05 11.28
N VAL A 211 -0.40 -17.25 11.14
CA VAL A 211 -0.70 -17.78 9.80
C VAL A 211 -1.81 -16.95 9.16
N GLY A 212 -2.80 -16.52 9.95
CA GLY A 212 -3.84 -15.66 9.40
C GLY A 212 -3.30 -14.34 8.89
N ARG A 213 -2.38 -13.72 9.65
CA ARG A 213 -1.78 -12.47 9.19
C ARG A 213 -0.91 -12.70 7.95
N PHE A 214 -0.24 -13.85 7.87
CA PHE A 214 0.54 -14.18 6.69
C PHE A 214 -0.35 -14.32 5.46
N ILE A 215 -1.49 -14.99 5.61
CA ILE A 215 -2.41 -15.15 4.48
C ILE A 215 -3.03 -13.81 4.09
N MET A 216 -3.29 -12.94 5.08
CA MET A 216 -3.68 -11.57 4.74
C MET A 216 -2.58 -10.83 4.00
N GLY A 217 -1.31 -11.09 4.32
CA GLY A 217 -0.24 -10.49 3.56
C GLY A 217 -0.25 -10.93 2.10
N ILE A 218 -0.42 -12.23 1.87
CA ILE A 218 -0.48 -12.72 0.50
C ILE A 218 -1.71 -12.18 -0.21
N ASP A 219 -2.82 -12.03 0.52
CA ASP A 219 -4.04 -11.43 -0.03
C ASP A 219 -3.79 -10.00 -0.46
N GLY A 220 -3.14 -9.20 0.39
CA GLY A 220 -2.86 -7.82 0.04
C GLY A 220 -1.91 -7.69 -1.12
N GLY A 221 -0.90 -8.56 -1.17
CA GLY A 221 0.00 -8.54 -2.32
C GLY A 221 -0.72 -8.84 -3.63
N VAL A 222 -1.56 -9.88 -3.62
CA VAL A 222 -2.32 -10.22 -4.83
C VAL A 222 -3.25 -9.07 -5.21
N ALA A 223 -3.93 -8.50 -4.22
CA ALA A 223 -4.86 -7.40 -4.50
C ALA A 223 -4.13 -6.21 -5.11
N LEU A 224 -2.99 -5.83 -4.53
CA LEU A 224 -2.24 -4.70 -5.04
C LEU A 224 -1.67 -4.94 -6.42
N SER A 225 -1.28 -6.19 -6.72
CA SER A 225 -0.74 -6.48 -8.04
C SER A 225 -1.80 -6.74 -9.10
N VAL A 226 -3.05 -6.98 -8.71
CA VAL A 226 -4.11 -7.31 -9.67
C VAL A 226 -5.04 -6.14 -9.93
N LEU A 227 -5.43 -5.39 -8.89
CA LEU A 227 -6.50 -4.40 -9.04
C LEU A 227 -6.22 -3.36 -10.11
N PRO A 228 -5.05 -2.71 -10.17
CA PRO A 228 -4.84 -1.71 -11.24
C PRO A 228 -4.97 -2.27 -12.64
N MET A 229 -4.47 -3.49 -12.87
CA MET A 229 -4.49 -4.07 -14.20
C MET A 229 -5.92 -4.35 -14.68
N TYR A 230 -6.88 -4.44 -13.76
CA TYR A 230 -8.28 -4.59 -14.10
C TYR A 230 -8.99 -3.25 -14.20
N LEU A 231 -8.72 -2.36 -13.23
CA LEU A 231 -9.39 -1.07 -13.21
C LEU A 231 -9.03 -0.22 -14.42
N SER A 232 -7.74 -0.15 -14.77
CA SER A 232 -7.34 0.62 -15.94
C SER A 232 -7.80 -0.05 -17.22
N GLU A 233 -7.92 -1.37 -17.22
CA GLU A 233 -8.32 -2.09 -18.43
C GLU A 233 -9.79 -1.87 -18.75
N ILE A 234 -10.66 -1.97 -17.75
CA ILE A 234 -12.09 -1.83 -17.99
C ILE A 234 -12.55 -0.38 -18.05
N SER A 235 -11.64 0.57 -17.82
CA SER A 235 -11.99 1.98 -17.87
C SER A 235 -11.59 2.58 -19.23
N PRO A 236 -12.41 3.48 -19.78
CA PRO A 236 -12.02 4.15 -21.01
C PRO A 236 -10.79 5.02 -20.78
N LYS A 237 -10.03 5.25 -21.85
CA LYS A 237 -8.84 6.08 -21.74
C LYS A 237 -9.17 7.52 -21.38
N GLU A 238 -10.44 7.93 -21.54
CA GLU A 238 -10.83 9.29 -21.19
C GLU A 238 -10.76 9.52 -19.68
N ILE A 239 -11.18 8.52 -18.89
CA ILE A 239 -11.37 8.72 -17.46
C ILE A 239 -10.40 7.80 -16.72
N ARG A 240 -9.22 7.59 -17.32
CA ARG A 240 -8.25 6.69 -16.70
C ARG A 240 -7.66 7.27 -15.42
N GLY A 241 -7.46 8.59 -15.37
CA GLY A 241 -6.88 9.20 -14.18
C GLY A 241 -7.76 9.06 -12.95
N SER A 242 -9.08 9.12 -13.15
CA SER A 242 -10.00 8.97 -12.02
C SER A 242 -9.87 7.60 -11.38
N LEU A 243 -9.90 6.54 -12.18
CA LEU A 243 -9.73 5.21 -11.61
C LEU A 243 -8.29 4.96 -11.19
N GLY A 244 -7.34 5.75 -11.69
CA GLY A 244 -6.00 5.69 -11.16
C GLY A 244 -5.91 6.22 -9.73
N GLN A 245 -6.64 7.31 -9.45
CA GLN A 245 -6.63 7.87 -8.10
C GLN A 245 -7.59 7.14 -7.16
N VAL A 246 -8.58 6.40 -7.70
CA VAL A 246 -9.49 5.65 -6.85
C VAL A 246 -8.74 4.58 -6.05
N THR A 247 -7.74 3.95 -6.67
CA THR A 247 -7.02 2.89 -5.98
C THR A 247 -6.28 3.38 -4.76
N ALA A 248 -6.01 4.69 -4.66
CA ALA A 248 -5.44 5.29 -3.47
C ALA A 248 -6.50 5.88 -2.55
N ILE A 249 -7.56 6.46 -3.12
CA ILE A 249 -8.66 6.96 -2.30
C ILE A 249 -9.24 5.85 -1.44
N PHE A 250 -9.38 4.65 -2.01
CA PHE A 250 -9.97 3.55 -1.27
C PHE A 250 -9.02 2.96 -0.24
N ILE A 251 -7.71 2.94 -0.50
CA ILE A 251 -6.78 2.55 0.55
C ILE A 251 -6.85 3.55 1.70
N CYS A 252 -6.96 4.84 1.40
CA CYS A 252 -7.07 5.84 2.45
C CYS A 252 -8.36 5.68 3.24
N ILE A 253 -9.48 5.41 2.58
CA ILE A 253 -10.73 5.23 3.31
C ILE A 253 -10.71 3.94 4.11
N GLY A 254 -10.00 2.92 3.63
CA GLY A 254 -9.83 1.71 4.42
C GLY A 254 -9.00 1.95 5.67
N VAL A 255 -7.94 2.77 5.55
CA VAL A 255 -7.18 3.15 6.73
C VAL A 255 -8.05 3.94 7.69
N PHE A 256 -8.89 4.84 7.16
CA PHE A 256 -9.77 5.63 8.00
C PHE A 256 -10.75 4.74 8.76
N THR A 257 -11.35 3.75 8.09
CA THR A 257 -12.30 2.89 8.77
C THR A 257 -11.61 1.91 9.70
N GLY A 258 -10.34 1.56 9.41
CA GLY A 258 -9.57 0.78 10.36
C GLY A 258 -9.29 1.55 11.65
N GLN A 259 -8.98 2.85 11.52
CA GLN A 259 -8.86 3.69 12.70
C GLN A 259 -10.19 3.82 13.43
N LEU A 260 -11.28 3.97 12.68
CA LEU A 260 -12.59 4.13 13.31
C LEU A 260 -12.98 2.88 14.09
N LEU A 261 -12.81 1.71 13.50
CA LEU A 261 -13.07 0.45 14.19
C LEU A 261 -11.91 0.16 15.13
N GLY A 262 -12.12 0.36 16.42
CA GLY A 262 -11.05 0.25 17.39
C GLY A 262 -11.20 1.25 18.52
N LEU A 263 -12.17 2.15 18.37
CA LEU A 263 -12.51 3.04 19.47
C LEU A 263 -13.08 2.21 20.62
N PRO A 264 -12.86 2.63 21.87
CA PRO A 264 -13.32 1.81 23.00
C PRO A 264 -14.81 1.55 23.01
N GLU A 265 -15.62 2.45 22.45
CA GLU A 265 -17.06 2.25 22.44
C GLU A 265 -17.48 1.19 21.43
N LEU A 266 -16.91 1.25 20.22
CA LEU A 266 -17.40 0.39 19.14
C LEU A 266 -16.80 -1.02 19.18
N LEU A 267 -15.49 -1.13 19.00
CA LEU A 267 -14.82 -2.42 18.89
C LEU A 267 -13.49 -2.41 19.63
N GLY A 268 -13.47 -1.84 20.83
CA GLY A 268 -12.24 -1.74 21.57
C GLY A 268 -12.29 -2.39 22.95
N LYS A 269 -13.44 -2.96 23.28
CA LYS A 269 -13.62 -3.55 24.60
C LYS A 269 -12.79 -4.82 24.74
N GLU A 270 -12.63 -5.27 25.98
CA GLU A 270 -11.83 -6.47 26.26
C GLU A 270 -12.44 -7.71 25.61
N SER A 271 -13.76 -7.86 25.68
CA SER A 271 -14.45 -9.04 25.20
C SER A 271 -14.99 -8.88 23.78
N THR A 272 -14.42 -7.94 23.00
CA THR A 272 -14.92 -7.70 21.65
C THR A 272 -13.81 -7.61 20.61
N TRP A 273 -12.54 -7.55 21.02
CA TRP A 273 -11.42 -7.42 20.09
C TRP A 273 -11.26 -8.59 19.11
N PRO A 274 -11.71 -9.82 19.42
CA PRO A 274 -11.68 -10.86 18.36
C PRO A 274 -12.43 -10.48 17.10
N TYR A 275 -13.56 -9.78 17.24
CA TYR A 275 -14.36 -9.40 16.07
C TYR A 275 -13.67 -8.36 15.19
N LEU A 276 -12.58 -7.75 15.65
CA LEU A 276 -11.88 -6.76 14.83
C LEU A 276 -11.33 -7.39 13.55
N PHE A 277 -10.93 -8.66 13.61
CA PHE A 277 -10.47 -9.37 12.43
C PHE A 277 -11.58 -10.15 11.75
N GLY A 278 -12.80 -10.15 12.30
CA GLY A 278 -13.93 -10.82 11.69
C GLY A 278 -14.74 -9.91 10.80
N VAL A 279 -14.49 -8.60 10.89
CA VAL A 279 -15.16 -7.64 10.02
C VAL A 279 -14.74 -7.83 8.57
N ILE A 280 -13.56 -8.43 8.33
CA ILE A 280 -13.04 -8.62 6.98
C ILE A 280 -13.98 -9.46 6.13
N VAL A 281 -14.90 -10.20 6.76
CA VAL A 281 -15.83 -11.04 6.01
C VAL A 281 -16.76 -10.19 5.15
N VAL A 282 -17.23 -9.07 5.69
CA VAL A 282 -18.24 -8.27 4.98
C VAL A 282 -17.74 -7.73 3.64
N PRO A 283 -16.56 -7.09 3.55
CA PRO A 283 -16.10 -6.65 2.22
C PRO A 283 -15.93 -7.78 1.23
N ALA A 284 -15.39 -8.92 1.68
CA ALA A 284 -15.24 -10.06 0.79
C ALA A 284 -16.60 -10.56 0.32
N VAL A 285 -17.59 -10.61 1.22
CA VAL A 285 -18.92 -11.09 0.85
C VAL A 285 -19.56 -10.15 -0.16
N VAL A 286 -19.47 -8.84 0.07
CA VAL A 286 -20.11 -7.90 -0.85
C VAL A 286 -19.40 -7.90 -2.20
N GLN A 287 -18.07 -8.04 -2.21
CA GLN A 287 -17.36 -8.11 -3.48
C GLN A 287 -17.71 -9.39 -4.25
N LEU A 288 -17.80 -10.51 -3.55
CA LEU A 288 -18.17 -11.76 -4.20
C LEU A 288 -19.63 -11.75 -4.66
N LEU A 289 -20.46 -10.91 -4.04
CA LEU A 289 -21.84 -10.78 -4.50
C LEU A 289 -21.96 -9.83 -5.69
N SER A 290 -21.08 -8.83 -5.78
CA SER A 290 -21.20 -7.80 -6.80
C SER A 290 -20.43 -8.14 -8.08
N LEU A 291 -19.14 -8.43 -7.94
CA LEU A 291 -18.28 -8.56 -9.12
C LEU A 291 -18.68 -9.66 -10.09
N PRO A 292 -19.01 -10.89 -9.66
CA PRO A 292 -19.27 -11.95 -10.64
C PRO A 292 -20.44 -11.69 -11.57
N PHE A 293 -21.27 -10.67 -11.33
CA PHE A 293 -22.37 -10.31 -12.21
C PHE A 293 -22.00 -9.16 -13.14
N LEU A 294 -20.75 -9.08 -13.56
CA LEU A 294 -20.25 -7.99 -14.38
C LEU A 294 -19.40 -8.55 -15.52
N PRO A 295 -19.28 -7.81 -16.62
CA PRO A 295 -18.45 -8.29 -17.74
C PRO A 295 -16.99 -8.41 -17.34
N ASP A 296 -16.31 -9.37 -17.97
CA ASP A 296 -14.93 -9.67 -17.65
C ASP A 296 -13.99 -8.67 -18.34
N SER A 297 -12.69 -8.87 -18.13
CA SER A 297 -11.68 -7.99 -18.72
C SER A 297 -11.51 -8.31 -20.20
N PRO A 298 -11.70 -7.33 -21.10
CA PRO A 298 -11.67 -7.67 -22.54
C PRO A 298 -10.28 -8.01 -23.06
N ARG A 299 -9.24 -7.27 -22.63
CA ARG A 299 -7.93 -7.44 -23.24
C ARG A 299 -7.34 -8.82 -22.94
N TYR A 300 -7.53 -9.32 -21.71
CA TYR A 300 -6.93 -10.60 -21.35
C TYR A 300 -7.49 -11.73 -22.21
N LEU A 301 -8.82 -11.77 -22.36
CA LEU A 301 -9.42 -12.77 -23.24
C LEU A 301 -9.07 -12.54 -24.70
N LEU A 302 -9.00 -11.28 -25.14
CA LEU A 302 -8.62 -10.97 -26.51
C LEU A 302 -7.16 -11.26 -26.80
N LEU A 303 -6.35 -11.54 -25.78
CA LEU A 303 -4.94 -11.85 -25.99
C LEU A 303 -4.75 -13.26 -26.51
N GLU A 304 -5.21 -14.26 -25.76
CA GLU A 304 -4.93 -15.67 -26.08
C GLU A 304 -6.14 -16.44 -26.58
N LYS A 305 -7.27 -16.42 -25.87
CA LYS A 305 -8.41 -17.23 -26.31
C LYS A 305 -9.11 -16.60 -27.50
N HIS A 306 -8.92 -15.30 -27.71
CA HIS A 306 -9.38 -14.59 -28.91
C HIS A 306 -10.90 -14.71 -29.07
N ASN A 307 -11.63 -14.27 -28.06
CA ASN A 307 -13.10 -14.27 -28.08
C ASN A 307 -13.57 -12.90 -28.53
N GLU A 308 -13.94 -12.79 -29.81
CA GLU A 308 -14.34 -11.50 -30.35
C GLU A 308 -15.72 -11.09 -29.87
N ALA A 309 -16.66 -12.04 -29.80
CA ALA A 309 -18.04 -11.70 -29.44
C ALA A 309 -18.12 -11.18 -28.01
N ARG A 310 -17.49 -11.89 -27.07
CA ARG A 310 -17.54 -11.45 -25.67
C ARG A 310 -16.81 -10.13 -25.47
N ALA A 311 -15.69 -9.93 -26.18
CA ALA A 311 -14.98 -8.67 -26.11
C ALA A 311 -15.84 -7.53 -26.63
N VAL A 312 -16.54 -7.75 -27.75
CA VAL A 312 -17.41 -6.71 -28.30
C VAL A 312 -18.55 -6.40 -27.33
N LYS A 313 -19.14 -7.44 -26.73
CA LYS A 313 -20.21 -7.21 -25.76
C LYS A 313 -19.71 -6.42 -24.56
N ALA A 314 -18.54 -6.77 -24.05
CA ALA A 314 -17.99 -6.05 -22.89
C ALA A 314 -17.68 -4.59 -23.24
N PHE A 315 -17.09 -4.36 -24.41
CA PHE A 315 -16.79 -2.98 -24.81
C PHE A 315 -18.06 -2.17 -25.01
N GLN A 316 -19.08 -2.77 -25.61
CA GLN A 316 -20.35 -2.07 -25.79
C GLN A 316 -20.99 -1.75 -24.44
N THR A 317 -20.93 -2.69 -23.49
CA THR A 317 -21.50 -2.43 -22.16
C THR A 317 -20.73 -1.34 -21.44
N PHE A 318 -19.40 -1.34 -21.53
CA PHE A 318 -18.61 -0.36 -20.81
C PHE A 318 -18.74 1.03 -21.41
N LEU A 319 -18.63 1.14 -22.73
CA LEU A 319 -18.68 2.43 -23.40
C LEU A 319 -20.10 2.91 -23.69
N GLY A 320 -21.10 2.03 -23.58
CA GLY A 320 -22.47 2.43 -23.80
C GLY A 320 -22.87 2.65 -25.25
N LYS A 321 -22.00 2.29 -26.20
CA LYS A 321 -22.31 2.46 -27.62
C LYS A 321 -21.88 1.20 -28.37
N ALA A 322 -22.56 0.96 -29.50
CA ALA A 322 -22.28 -0.20 -30.32
C ALA A 322 -21.09 -0.01 -31.27
N ASP A 323 -20.61 1.21 -31.43
CA ASP A 323 -19.50 1.50 -32.35
C ASP A 323 -18.23 1.64 -31.52
N VAL A 324 -17.51 0.54 -31.36
CA VAL A 324 -16.26 0.51 -30.61
C VAL A 324 -15.13 -0.06 -31.50
N SER A 325 -15.22 0.17 -32.80
CA SER A 325 -14.24 -0.37 -33.74
C SER A 325 -12.85 0.22 -33.49
N GLN A 326 -12.79 1.53 -33.20
CA GLN A 326 -11.50 2.18 -33.01
C GLN A 326 -10.76 1.61 -31.82
N GLU A 327 -11.45 1.41 -30.70
CA GLU A 327 -10.81 0.86 -29.51
C GLU A 327 -10.34 -0.58 -29.74
N VAL A 328 -11.14 -1.37 -30.45
CA VAL A 328 -10.76 -2.75 -30.75
C VAL A 328 -9.52 -2.77 -31.63
N GLU A 329 -9.48 -1.90 -32.65
CA GLU A 329 -8.32 -1.83 -33.52
C GLU A 329 -7.08 -1.39 -32.75
N GLU A 330 -7.23 -0.42 -31.84
CA GLU A 330 -6.10 0.01 -31.03
C GLU A 330 -5.60 -1.10 -30.12
N VAL A 331 -6.53 -1.88 -29.54
CA VAL A 331 -6.13 -2.99 -28.68
C VAL A 331 -5.38 -4.05 -29.48
N LEU A 332 -5.88 -4.35 -30.68
CA LEU A 332 -5.19 -5.32 -31.53
C LEU A 332 -3.80 -4.83 -31.92
N ALA A 333 -3.68 -3.55 -32.26
CA ALA A 333 -2.37 -3.00 -32.59
C ALA A 333 -1.42 -3.06 -31.41
N GLU A 334 -1.91 -2.73 -30.20
CA GLU A 334 -1.07 -2.81 -29.01
C GLU A 334 -0.63 -4.24 -28.75
N SER A 335 -1.54 -5.21 -28.92
CA SER A 335 -1.18 -6.61 -28.73
C SER A 335 -0.13 -7.05 -29.73
N ARG A 336 -0.28 -6.64 -31.00
CA ARG A 336 0.70 -6.99 -32.02
C ARG A 336 2.06 -6.38 -31.71
N VAL A 337 2.09 -5.13 -31.26
CA VAL A 337 3.34 -4.49 -30.90
C VAL A 337 3.98 -5.22 -29.72
N GLN A 338 3.17 -5.61 -28.73
CA GLN A 338 3.69 -6.31 -27.56
C GLN A 338 4.31 -7.65 -27.95
N ARG A 339 3.63 -8.42 -28.81
CA ARG A 339 4.16 -9.72 -29.20
C ARG A 339 5.30 -9.59 -30.20
N SER A 340 5.45 -8.44 -30.86
CA SER A 340 6.55 -8.25 -31.79
C SER A 340 7.88 -7.96 -31.10
N ILE A 341 7.86 -7.71 -29.80
CA ILE A 341 9.06 -7.38 -29.03
C ILE A 341 9.24 -8.43 -27.94
N ARG A 342 10.44 -8.99 -27.85
CA ARG A 342 10.75 -9.97 -26.83
C ARG A 342 10.73 -9.33 -25.45
N LEU A 343 10.25 -10.07 -24.45
CA LEU A 343 10.13 -9.58 -23.09
C LEU A 343 11.35 -9.97 -22.28
N VAL A 344 11.95 -8.99 -21.62
CA VAL A 344 13.17 -9.19 -20.85
C VAL A 344 12.81 -9.59 -19.43
N SER A 345 13.54 -10.56 -18.89
CA SER A 345 13.31 -11.06 -17.55
C SER A 345 14.05 -10.20 -16.52
N VAL A 346 13.96 -10.60 -15.25
CA VAL A 346 14.60 -9.83 -14.19
C VAL A 346 16.12 -9.97 -14.26
N LEU A 347 16.61 -11.18 -14.53
CA LEU A 347 18.06 -11.41 -14.52
C LEU A 347 18.75 -10.58 -15.60
N GLU A 348 18.21 -10.60 -16.83
CA GLU A 348 18.83 -9.83 -17.90
C GLU A 348 18.68 -8.33 -17.67
N LEU A 349 17.55 -7.91 -17.11
CA LEU A 349 17.37 -6.49 -16.80
C LEU A 349 18.40 -6.02 -15.79
N LEU A 350 18.66 -6.83 -14.76
CA LEU A 350 19.71 -6.48 -13.80
C LEU A 350 21.09 -6.54 -14.46
N ARG A 351 21.27 -7.44 -15.41
CA ARG A 351 22.54 -7.57 -16.12
C ARG A 351 22.66 -6.60 -17.29
N ALA A 352 21.62 -5.82 -17.59
CA ALA A 352 21.66 -4.89 -18.69
C ALA A 352 22.27 -3.56 -18.24
N PRO A 353 23.41 -3.14 -18.80
CA PRO A 353 24.01 -1.87 -18.37
C PRO A 353 23.25 -0.64 -18.82
N TYR A 354 22.38 -0.75 -19.82
CA TYR A 354 21.67 0.41 -20.32
C TYR A 354 20.48 0.81 -19.45
N VAL A 355 20.13 0.00 -18.45
CA VAL A 355 19.06 0.34 -17.53
C VAL A 355 19.57 0.22 -16.10
N ARG A 356 20.89 0.22 -15.93
CA ARG A 356 21.47 0.13 -14.59
C ARG A 356 21.07 1.33 -13.74
N TRP A 357 21.22 2.54 -14.28
CA TRP A 357 20.82 3.72 -13.54
C TRP A 357 19.32 3.77 -13.32
N GLN A 358 18.53 3.28 -14.29
CA GLN A 358 17.08 3.27 -14.12
C GLN A 358 16.67 2.35 -12.98
N VAL A 359 17.21 1.14 -12.93
CA VAL A 359 16.84 0.20 -11.88
C VAL A 359 17.37 0.68 -10.53
N VAL A 360 18.56 1.30 -10.51
CA VAL A 360 19.07 1.86 -9.26
C VAL A 360 18.16 2.97 -8.77
N THR A 361 17.72 3.85 -9.68
CA THR A 361 16.84 4.95 -9.30
C THR A 361 15.51 4.43 -8.76
N VAL A 362 14.91 3.44 -9.43
CA VAL A 362 13.62 2.94 -8.98
C VAL A 362 13.76 2.20 -7.65
N ILE A 363 14.85 1.46 -7.47
CA ILE A 363 15.08 0.76 -6.20
C ILE A 363 15.24 1.76 -5.07
N VAL A 364 16.04 2.80 -5.29
CA VAL A 364 16.25 3.82 -4.27
C VAL A 364 14.95 4.55 -3.96
N THR A 365 14.17 4.85 -5.00
CA THR A 365 12.89 5.55 -4.80
C THR A 365 11.95 4.71 -3.96
N MET A 366 11.84 3.40 -4.27
CA MET A 366 10.95 2.54 -3.51
C MET A 366 11.43 2.36 -2.07
N ALA A 367 12.74 2.16 -1.89
CA ALA A 367 13.29 1.97 -0.55
C ALA A 367 13.10 3.21 0.31
N CYS A 368 13.32 4.39 -0.27
CA CYS A 368 13.15 5.62 0.49
C CYS A 368 11.68 5.92 0.73
N TYR A 369 10.81 5.56 -0.21
CA TYR A 369 9.37 5.70 -0.03
C TYR A 369 8.84 4.83 1.10
N GLN A 370 9.32 3.60 1.23
CA GLN A 370 8.86 2.70 2.28
C GLN A 370 9.53 2.93 3.61
N LEU A 371 10.82 3.30 3.61
CA LEU A 371 11.51 3.68 4.84
C LEU A 371 11.23 5.11 5.27
N CYS A 372 10.52 5.89 4.44
CA CYS A 372 10.10 7.22 4.86
C CYS A 372 9.21 7.14 6.09
N GLY A 373 8.27 6.20 6.08
CA GLY A 373 7.49 5.86 7.25
C GLY A 373 6.07 6.39 7.23
N LEU A 374 5.15 5.56 6.80
CA LEU A 374 3.72 5.73 7.02
C LEU A 374 3.09 4.45 7.55
N ASN A 375 3.55 3.29 7.09
CA ASN A 375 3.07 2.04 7.66
C ASN A 375 3.41 1.94 9.13
N ALA A 376 4.56 2.49 9.54
CA ALA A 376 4.90 2.52 10.97
C ALA A 376 3.93 3.42 11.74
N ILE A 377 3.67 4.61 11.21
CA ILE A 377 2.74 5.60 11.85
C ILE A 377 1.30 5.07 11.74
N TRP A 378 0.95 3.98 10.99
CA TRP A 378 -0.30 3.25 11.10
C TRP A 378 -0.23 2.14 12.16
N PHE A 379 0.86 1.37 12.15
CA PHE A 379 0.96 0.20 13.00
C PHE A 379 1.06 0.57 14.48
N TYR A 380 1.87 1.58 14.81
CA TYR A 380 2.14 1.93 16.19
C TYR A 380 1.64 3.33 16.54
N THR A 381 0.48 3.70 15.99
CA THR A 381 -0.07 5.03 16.24
C THR A 381 -0.39 5.22 17.73
N ASN A 382 -1.00 4.21 18.35
CA ASN A 382 -1.38 4.31 19.75
C ASN A 382 -0.16 4.52 20.64
N SER A 383 0.88 3.71 20.42
CA SER A 383 2.09 3.84 21.22
C SER A 383 2.79 5.17 20.98
N ILE A 384 2.85 5.61 19.71
CA ILE A 384 3.53 6.86 19.39
C ILE A 384 2.83 8.04 20.06
N PHE A 385 1.49 8.07 19.99
CA PHE A 385 0.78 9.19 20.59
C PHE A 385 0.74 9.09 22.11
N GLY A 386 0.81 7.88 22.66
CA GLY A 386 0.93 7.75 24.10
C GLY A 386 2.26 8.27 24.62
N LYS A 387 3.34 7.99 23.88
CA LYS A 387 4.66 8.49 24.26
C LYS A 387 4.82 9.98 24.06
N ALA A 388 3.85 10.64 23.40
CA ALA A 388 3.95 12.06 23.09
C ALA A 388 3.38 12.96 24.20
N GLY A 389 2.97 12.38 25.32
CA GLY A 389 2.41 13.15 26.42
C GLY A 389 0.90 13.34 26.36
N ILE A 390 0.26 12.95 25.26
CA ILE A 390 -1.21 13.03 25.18
C ILE A 390 -1.81 12.07 26.21
N PRO A 391 -2.83 12.48 26.96
CA PRO A 391 -3.41 11.59 27.97
C PRO A 391 -3.94 10.32 27.34
N PRO A 392 -3.83 9.18 28.04
CA PRO A 392 -4.25 7.90 27.44
C PRO A 392 -5.75 7.74 27.27
N ALA A 393 -6.54 8.76 27.61
CA ALA A 393 -7.99 8.69 27.46
C ALA A 393 -8.47 9.34 26.17
N LYS A 394 -7.57 9.73 25.27
CA LYS A 394 -7.95 10.42 24.05
C LYS A 394 -7.22 9.91 22.82
N ILE A 395 -6.37 8.88 22.95
CA ILE A 395 -5.55 8.43 21.83
C ILE A 395 -6.39 7.89 20.66
N PRO A 396 -7.39 7.02 20.87
CA PRO A 396 -8.14 6.52 19.71
C PRO A 396 -8.85 7.60 18.91
N TYR A 397 -9.35 8.65 19.57
CA TYR A 397 -9.94 9.77 18.84
C TYR A 397 -8.89 10.50 18.01
N VAL A 398 -7.67 10.59 18.54
CA VAL A 398 -6.56 11.15 17.77
C VAL A 398 -6.29 10.30 16.54
N THR A 399 -6.33 8.97 16.69
CA THR A 399 -6.16 8.10 15.52
C THR A 399 -7.28 8.28 14.51
N LEU A 400 -8.51 8.48 14.98
CA LEU A 400 -9.61 8.76 14.07
C LEU A 400 -9.38 10.05 13.29
N SER A 401 -8.92 11.10 13.98
CA SER A 401 -8.59 12.35 13.29
C SER A 401 -7.47 12.15 12.30
N THR A 402 -6.49 11.32 12.64
CA THR A 402 -5.39 10.99 11.73
C THR A 402 -5.92 10.35 10.45
N GLY A 403 -6.81 9.36 10.59
CA GLY A 403 -7.39 8.74 9.41
C GLY A 403 -8.22 9.71 8.58
N GLY A 404 -9.00 10.57 9.24
CA GLY A 404 -9.78 11.55 8.52
C GLY A 404 -8.91 12.52 7.73
N ILE A 405 -7.83 13.01 8.34
CA ILE A 405 -6.96 13.93 7.62
C ILE A 405 -6.21 13.22 6.51
N GLU A 406 -5.91 11.92 6.68
CA GLU A 406 -5.32 11.16 5.59
C GLU A 406 -6.27 11.09 4.39
N THR A 407 -7.54 10.80 4.64
CA THR A 407 -8.51 10.74 3.55
C THR A 407 -8.67 12.10 2.89
N LEU A 408 -8.74 13.18 3.68
CA LEU A 408 -8.90 14.50 3.10
C LEU A 408 -7.68 14.90 2.28
N ALA A 409 -6.48 14.56 2.76
CA ALA A 409 -5.27 14.83 2.01
C ALA A 409 -5.26 14.07 0.69
N ALA A 410 -5.73 12.83 0.70
CA ALA A 410 -5.84 12.08 -0.56
C ALA A 410 -6.80 12.77 -1.52
N VAL A 411 -7.95 13.22 -1.02
CA VAL A 411 -8.94 13.87 -1.88
C VAL A 411 -8.36 15.14 -2.49
N PHE A 412 -7.65 15.94 -1.69
CA PHE A 412 -7.05 17.16 -2.22
C PHE A 412 -5.93 16.85 -3.19
N SER A 413 -5.13 15.82 -2.90
CA SER A 413 -4.04 15.44 -3.79
C SER A 413 -4.57 15.02 -5.15
N GLY A 414 -5.71 14.35 -5.18
CA GLY A 414 -6.34 13.95 -6.43
C GLY A 414 -6.41 15.05 -7.47
N LEU A 415 -6.43 16.31 -7.04
CA LEU A 415 -6.38 17.45 -7.94
C LEU A 415 -5.07 18.21 -7.89
N VAL A 416 -4.37 18.22 -6.73
CA VAL A 416 -3.10 18.92 -6.63
C VAL A 416 -2.07 18.31 -7.58
N ILE A 417 -2.09 16.97 -7.72
CA ILE A 417 -1.12 16.29 -8.58
C ILE A 417 -1.21 16.81 -10.01
N GLU A 418 -2.42 17.04 -10.50
CA GLU A 418 -2.61 17.43 -11.89
C GLU A 418 -2.05 18.82 -12.21
N HIS A 419 -1.72 19.63 -11.20
CA HIS A 419 -1.18 20.96 -11.44
C HIS A 419 0.24 21.15 -10.95
N LEU A 420 0.69 20.41 -9.94
CA LEU A 420 2.01 20.70 -9.37
C LEU A 420 3.14 20.14 -10.23
N GLY A 421 3.20 18.82 -10.37
CA GLY A 421 4.24 18.18 -11.16
C GLY A 421 4.61 16.84 -10.58
N ARG A 422 5.77 16.33 -11.01
CA ARG A 422 6.27 15.05 -10.53
C ARG A 422 7.55 15.17 -9.73
N ARG A 423 8.62 15.73 -10.31
CA ARG A 423 9.90 15.77 -9.59
C ARG A 423 9.91 16.89 -8.54
N PRO A 424 9.54 18.13 -8.85
CA PRO A 424 9.38 19.12 -7.78
C PRO A 424 8.44 18.64 -6.69
N LEU A 425 7.34 17.98 -7.08
CA LEU A 425 6.37 17.51 -6.11
C LEU A 425 6.98 16.48 -5.17
N LEU A 426 7.69 15.49 -5.73
CA LEU A 426 8.27 14.43 -4.91
C LEU A 426 9.38 14.97 -4.01
N ILE A 427 10.24 15.83 -4.56
CA ILE A 427 11.33 16.39 -3.76
C ILE A 427 10.77 17.25 -2.63
N GLY A 428 9.78 18.08 -2.94
CA GLY A 428 9.14 18.88 -1.90
C GLY A 428 8.47 18.01 -0.85
N GLY A 429 7.85 16.91 -1.27
CA GLY A 429 7.23 16.01 -0.31
C GLY A 429 8.24 15.41 0.65
N PHE A 430 9.36 14.91 0.13
CA PHE A 430 10.39 14.35 1.00
C PHE A 430 11.01 15.41 1.90
N GLY A 431 11.29 16.60 1.36
CA GLY A 431 11.86 17.66 2.18
C GLY A 431 10.92 18.10 3.29
N LEU A 432 9.64 18.24 2.97
CA LEU A 432 8.65 18.60 3.98
C LEU A 432 8.52 17.50 5.02
N MET A 433 8.58 16.23 4.60
CA MET A 433 8.54 15.15 5.57
C MET A 433 9.74 15.21 6.51
N GLY A 434 10.93 15.49 5.97
CA GLY A 434 12.09 15.63 6.82
C GLY A 434 11.97 16.77 7.81
N LEU A 435 11.52 17.93 7.34
CA LEU A 435 11.38 19.08 8.22
C LEU A 435 10.32 18.83 9.29
N PHE A 436 9.23 18.16 8.92
CA PHE A 436 8.19 17.88 9.90
C PHE A 436 8.59 16.78 10.87
N PHE A 437 9.45 15.84 10.44
CA PHE A 437 10.04 14.90 11.38
C PHE A 437 10.92 15.64 12.38
N GLY A 438 11.67 16.64 11.91
CA GLY A 438 12.43 17.48 12.83
C GLY A 438 11.54 18.21 13.82
N THR A 439 10.43 18.76 13.33
CA THR A 439 9.48 19.42 14.22
C THR A 439 8.89 18.45 15.24
N LEU A 440 8.54 17.24 14.80
CA LEU A 440 7.98 16.25 15.71
C LEU A 440 8.99 15.83 16.76
N THR A 441 10.26 15.64 16.37
CA THR A 441 11.25 15.23 17.36
C THR A 441 11.60 16.37 18.32
N ILE A 442 11.53 17.62 17.86
CA ILE A 442 11.82 18.72 18.79
C ILE A 442 10.64 18.96 19.73
N THR A 443 9.42 18.66 19.30
CA THR A 443 8.30 18.76 20.23
C THR A 443 8.15 17.52 21.11
N LEU A 444 8.79 16.42 20.74
CA LEU A 444 8.85 15.25 21.62
C LEU A 444 9.95 15.38 22.67
N THR A 445 11.11 15.92 22.29
CA THR A 445 12.21 16.04 23.24
C THR A 445 11.89 17.02 24.36
N LEU A 446 11.22 18.13 24.03
CA LEU A 446 11.01 19.20 24.99
C LEU A 446 9.53 19.53 25.17
N GLN A 447 8.71 18.50 25.37
CA GLN A 447 7.28 18.69 25.55
C GLN A 447 6.91 19.29 26.90
N ASP A 448 7.76 19.12 27.92
CA ASP A 448 7.44 19.57 29.27
C ASP A 448 7.69 21.05 29.49
N HIS A 449 8.29 21.75 28.52
CA HIS A 449 8.59 23.17 28.70
C HIS A 449 7.32 23.98 28.89
N ALA A 450 6.31 23.73 28.06
CA ALA A 450 5.01 24.38 28.18
C ALA A 450 3.93 23.32 28.08
N PRO A 451 2.80 23.51 28.77
CA PRO A 451 1.75 22.49 28.75
C PRO A 451 1.18 22.24 27.36
N TRP A 452 1.22 23.22 26.47
CA TRP A 452 0.61 23.08 25.15
C TRP A 452 1.54 22.40 24.15
N VAL A 453 2.83 22.24 24.48
CA VAL A 453 3.77 21.63 23.54
C VAL A 453 3.36 20.21 23.13
N PRO A 454 2.93 19.33 24.04
CA PRO A 454 2.55 17.98 23.59
C PRO A 454 1.41 17.95 22.60
N TYR A 455 0.62 19.02 22.51
CA TYR A 455 -0.44 19.09 21.51
C TYR A 455 0.08 19.55 20.15
N LEU A 456 1.35 19.86 20.02
CA LEU A 456 1.96 20.11 18.72
C LEU A 456 2.34 18.83 18.00
N SER A 457 2.40 17.70 18.72
CA SER A 457 2.72 16.43 18.08
C SER A 457 1.64 16.04 17.07
N ILE A 458 0.37 16.24 17.42
CA ILE A 458 -0.71 15.90 16.50
C ILE A 458 -0.70 16.81 15.28
N VAL A 459 -0.36 18.09 15.48
CA VAL A 459 -0.24 19.01 14.35
C VAL A 459 0.89 18.56 13.42
N GLY A 460 2.02 18.17 14.00
CA GLY A 460 3.10 17.63 13.20
C GLY A 460 2.71 16.36 12.47
N ILE A 461 1.88 15.53 13.10
CA ILE A 461 1.43 14.29 12.48
C ILE A 461 0.54 14.60 11.28
N LEU A 462 -0.39 15.55 11.44
CA LEU A 462 -1.21 15.97 10.30
C LEU A 462 -0.35 16.55 9.19
N ALA A 463 0.66 17.34 9.55
CA ALA A 463 1.55 17.89 8.53
C ALA A 463 2.30 16.79 7.78
N ILE A 464 2.78 15.78 8.52
CA ILE A 464 3.48 14.66 7.90
C ILE A 464 2.56 13.91 6.95
N ILE A 465 1.32 13.66 7.39
CA ILE A 465 0.37 12.91 6.57
C ILE A 465 -0.01 13.69 5.33
N ALA A 466 -0.21 15.01 5.47
CA ALA A 466 -0.52 15.83 4.31
C ALA A 466 0.65 15.85 3.33
N SER A 467 1.87 15.98 3.84
CA SER A 467 3.04 16.00 2.96
C SER A 467 3.21 14.66 2.24
N PHE A 468 2.85 13.55 2.90
CA PHE A 468 2.93 12.25 2.23
C PHE A 468 1.83 12.12 1.18
N CYS A 469 0.57 12.14 1.62
CA CYS A 469 -0.54 11.77 0.75
C CYS A 469 -0.85 12.85 -0.28
N SER A 470 -0.26 14.04 -0.15
CA SER A 470 -0.41 15.09 -1.15
C SER A 470 0.93 15.29 -1.84
N GLY A 471 1.59 14.18 -2.17
CA GLY A 471 2.96 14.22 -2.64
C GLY A 471 3.40 12.88 -3.19
N PRO A 472 4.59 12.43 -2.78
CA PRO A 472 5.15 11.19 -3.34
C PRO A 472 4.38 9.93 -2.98
N GLY A 473 3.23 10.07 -2.33
CA GLY A 473 2.45 8.91 -1.94
C GLY A 473 1.99 8.06 -3.10
N GLY A 474 1.66 8.68 -4.22
CA GLY A 474 1.15 7.94 -5.37
C GLY A 474 1.92 8.14 -6.65
N ILE A 475 2.89 9.05 -6.63
CA ILE A 475 3.67 9.35 -7.83
C ILE A 475 4.45 8.13 -8.35
N PRO A 476 5.16 7.36 -7.51
CA PRO A 476 5.98 6.27 -8.06
C PRO A 476 5.19 5.23 -8.85
N PHE A 477 3.90 5.04 -8.53
CA PHE A 477 3.10 4.06 -9.27
C PHE A 477 2.94 4.43 -10.74
N ILE A 478 3.16 5.70 -11.10
CA ILE A 478 3.11 6.13 -12.49
C ILE A 478 4.55 6.36 -12.96
N LEU A 479 5.42 6.74 -12.02
CA LEU A 479 6.81 6.99 -12.35
C LEU A 479 7.51 5.73 -12.85
N THR A 480 7.18 4.57 -12.28
CA THR A 480 7.79 3.32 -12.72
C THR A 480 7.46 3.05 -14.18
N GLY A 481 6.22 3.26 -14.59
CA GLY A 481 5.88 3.14 -16.00
C GLY A 481 6.54 4.21 -16.84
N GLU A 482 6.66 5.42 -16.32
CA GLU A 482 7.30 6.50 -17.06
C GLU A 482 8.75 6.20 -17.38
N PHE A 483 9.47 5.58 -16.43
CA PHE A 483 10.90 5.36 -16.60
C PHE A 483 11.18 4.40 -17.75
N PHE A 484 10.53 3.24 -17.75
CA PHE A 484 10.92 2.15 -18.64
C PHE A 484 10.26 2.27 -20.01
N GLN A 485 10.83 1.55 -20.97
CA GLN A 485 10.38 1.64 -22.37
C GLN A 485 8.97 1.10 -22.53
N GLN A 486 8.72 -0.12 -22.03
CA GLN A 486 7.41 -0.73 -22.21
C GLN A 486 6.36 -0.06 -21.34
N SER A 487 6.78 0.56 -20.23
CA SER A 487 5.92 1.25 -19.27
C SER A 487 5.09 0.26 -18.45
N GLN A 488 5.20 -1.02 -18.78
CA GLN A 488 4.55 -2.09 -18.02
C GLN A 488 5.49 -3.28 -17.91
N ARG A 489 6.75 -3.02 -17.60
CA ARG A 489 7.77 -4.06 -17.64
C ARG A 489 7.62 -5.02 -16.47
N PRO A 490 7.40 -6.31 -16.70
CA PRO A 490 7.26 -7.25 -15.57
C PRO A 490 8.50 -7.31 -14.68
N ALA A 491 9.69 -7.21 -15.26
CA ALA A 491 10.90 -7.26 -14.44
C ALA A 491 10.97 -6.06 -13.50
N ALA A 492 10.69 -4.87 -14.02
CA ALA A 492 10.68 -3.67 -13.17
C ALA A 492 9.60 -3.77 -12.10
N PHE A 493 8.41 -4.27 -12.47
CA PHE A 493 7.35 -4.41 -11.50
C PHE A 493 7.74 -5.39 -10.38
N ILE A 494 8.37 -6.51 -10.75
CA ILE A 494 8.80 -7.49 -9.76
C ILE A 494 9.85 -6.90 -8.84
N ILE A 495 10.82 -6.18 -9.40
CA ILE A 495 11.88 -5.58 -8.58
C ILE A 495 11.28 -4.56 -7.62
N ALA A 496 10.39 -3.71 -8.11
CA ALA A 496 9.76 -2.70 -7.26
C ALA A 496 8.94 -3.34 -6.15
N GLY A 497 8.16 -4.37 -6.48
CA GLY A 497 7.37 -5.04 -5.46
C GLY A 497 8.22 -5.71 -4.41
N THR A 498 9.29 -6.40 -4.83
CA THR A 498 10.18 -7.05 -3.88
C THR A 498 10.83 -6.02 -2.96
N VAL A 499 11.32 -4.92 -3.52
CA VAL A 499 11.96 -3.89 -2.70
C VAL A 499 10.95 -3.30 -1.71
N ASN A 500 9.74 -2.98 -2.20
CA ASN A 500 8.73 -2.40 -1.33
C ASN A 500 8.37 -3.33 -0.19
N TRP A 501 8.16 -4.61 -0.49
CA TRP A 501 7.72 -5.55 0.55
C TRP A 501 8.85 -5.82 1.55
N LEU A 502 10.08 -5.98 1.07
CA LEU A 502 11.19 -6.18 2.00
C LEU A 502 11.41 -4.96 2.89
N SER A 503 11.30 -3.76 2.33
CA SER A 503 11.44 -2.55 3.13
C SER A 503 10.33 -2.43 4.15
N ASN A 504 9.10 -2.77 3.77
CA ASN A 504 7.99 -2.76 4.72
C ASN A 504 8.24 -3.75 5.85
N PHE A 505 8.73 -4.95 5.52
CA PHE A 505 9.02 -5.94 6.55
C PHE A 505 10.10 -5.43 7.50
N ALA A 506 11.16 -4.86 6.96
CA ALA A 506 12.25 -4.35 7.80
C ALA A 506 11.75 -3.24 8.73
N VAL A 507 10.97 -2.30 8.19
CA VAL A 507 10.48 -1.20 9.00
C VAL A 507 9.56 -1.72 10.10
N GLY A 508 8.62 -2.59 9.74
CA GLY A 508 7.69 -3.11 10.74
C GLY A 508 8.37 -3.93 11.81
N LEU A 509 9.43 -4.66 11.44
CA LEU A 509 10.13 -5.48 12.43
C LEU A 509 11.03 -4.64 13.33
N LEU A 510 11.62 -3.55 12.80
CA LEU A 510 12.63 -2.82 13.55
C LEU A 510 12.12 -1.54 14.21
N PHE A 511 10.89 -1.12 13.94
CA PHE A 511 10.40 0.11 14.57
C PHE A 511 10.27 0.01 16.09
N PRO A 512 9.68 -1.04 16.67
CA PRO A 512 9.67 -1.12 18.14
C PRO A 512 11.06 -1.14 18.76
N PHE A 513 12.02 -1.79 18.10
CA PHE A 513 13.38 -1.84 18.64
C PHE A 513 14.05 -0.46 18.60
N ILE A 514 13.88 0.28 17.51
CA ILE A 514 14.46 1.62 17.45
C ILE A 514 13.78 2.54 18.44
N GLN A 515 12.48 2.33 18.69
CA GLN A 515 11.81 3.08 19.75
C GLN A 515 12.41 2.77 21.11
N LYS A 516 12.61 1.49 21.41
CA LYS A 516 13.22 1.12 22.69
C LYS A 516 14.61 1.72 22.83
N SER A 517 15.35 1.81 21.72
CA SER A 517 16.70 2.37 21.77
C SER A 517 16.69 3.88 21.93
N LEU A 518 15.76 4.58 21.28
CA LEU A 518 15.79 6.04 21.18
C LEU A 518 14.41 6.64 21.46
N ASP A 519 13.81 6.25 22.58
CA ASP A 519 12.54 6.80 23.04
C ASP A 519 12.33 8.29 22.72
N THR A 520 13.37 9.11 22.89
CA THR A 520 13.22 10.55 22.68
C THR A 520 13.59 11.02 21.28
N TYR A 521 14.36 10.25 20.51
CA TYR A 521 14.85 10.71 19.20
C TYR A 521 14.65 9.68 18.10
N CYS A 522 13.67 8.78 18.22
CA CYS A 522 13.50 7.70 17.26
C CYS A 522 13.06 8.17 15.88
N PHE A 523 12.63 9.42 15.75
CA PHE A 523 12.24 9.94 14.44
C PHE A 523 13.40 10.62 13.72
N LEU A 524 14.56 10.75 14.37
CA LEU A 524 15.74 11.26 13.69
C LEU A 524 16.20 10.33 12.58
N VAL A 525 16.07 9.02 12.78
CA VAL A 525 16.44 8.07 11.73
C VAL A 525 15.55 8.25 10.51
N PHE A 526 14.25 8.40 10.75
CA PHE A 526 13.31 8.63 9.65
C PHE A 526 13.60 9.95 8.95
N ALA A 527 13.93 11.00 9.71
CA ALA A 527 14.26 12.28 9.11
C ALA A 527 15.52 12.18 8.25
N THR A 528 16.53 11.45 8.74
CA THR A 528 17.76 11.27 7.97
C THR A 528 17.48 10.50 6.68
N ILE A 529 16.66 9.45 6.76
CA ILE A 529 16.30 8.69 5.57
C ILE A 529 15.57 9.58 4.56
N CYS A 530 14.63 10.39 5.05
CA CYS A 530 13.87 11.27 4.16
C CYS A 530 14.77 12.29 3.47
N ILE A 531 15.66 12.92 4.23
CA ILE A 531 16.51 13.95 3.62
C ILE A 531 17.51 13.32 2.65
N THR A 532 18.04 12.13 2.98
CA THR A 532 18.94 11.45 2.07
C THR A 532 18.24 11.09 0.77
N GLY A 533 17.02 10.56 0.87
CA GLY A 533 16.25 10.25 -0.32
C GLY A 533 15.93 11.49 -1.14
N ALA A 534 15.59 12.59 -0.46
CA ALA A 534 15.30 13.83 -1.17
C ALA A 534 16.52 14.32 -1.93
N ILE A 535 17.69 14.29 -1.29
CA ILE A 535 18.92 14.74 -1.94
C ILE A 535 19.23 13.84 -3.15
N TYR A 536 19.14 12.52 -2.96
CA TYR A 536 19.48 11.61 -4.03
C TYR A 536 18.54 11.77 -5.22
N LEU A 537 17.24 11.88 -4.97
CA LEU A 537 16.28 11.98 -6.07
C LEU A 537 16.21 13.38 -6.65
N TYR A 538 16.74 14.39 -5.96
CA TYR A 538 16.91 15.69 -6.60
C TYR A 538 18.12 15.70 -7.51
N PHE A 539 19.21 15.04 -7.10
CA PHE A 539 20.38 14.95 -7.96
C PHE A 539 20.21 13.95 -9.10
N VAL A 540 19.28 13.01 -9.01
CA VAL A 540 19.14 11.93 -9.99
C VAL A 540 17.90 12.11 -10.86
N LEU A 541 16.72 12.16 -10.26
CA LEU A 541 15.48 12.11 -11.02
C LEU A 541 15.25 13.41 -11.77
N PRO A 542 15.10 13.39 -13.08
CA PRO A 542 14.78 14.60 -13.84
C PRO A 542 13.27 14.76 -14.00
N GLU A 543 12.89 15.85 -14.66
CA GLU A 543 11.48 16.10 -14.93
C GLU A 543 10.91 15.03 -15.84
N THR A 544 9.75 14.49 -15.46
CA THR A 544 9.12 13.40 -16.19
C THR A 544 7.81 13.78 -16.87
N LYS A 545 6.95 14.55 -16.22
CA LYS A 545 5.70 14.96 -16.84
C LYS A 545 5.97 15.86 -18.04
N ASN A 546 5.10 15.77 -19.05
CA ASN A 546 5.26 16.52 -20.29
C ASN A 546 6.59 16.23 -20.96
N ARG A 547 7.03 14.97 -20.87
CA ARG A 547 8.27 14.54 -21.48
C ARG A 547 8.08 13.15 -22.06
N THR A 548 8.36 12.99 -23.36
CA THR A 548 8.21 11.70 -24.01
C THR A 548 9.32 10.75 -23.57
N TYR A 549 9.10 9.46 -23.82
CA TYR A 549 10.08 8.45 -23.42
C TYR A 549 11.39 8.60 -24.18
N ALA A 550 11.35 9.19 -25.38
CA ALA A 550 12.59 9.41 -26.13
C ALA A 550 13.49 10.41 -25.42
N GLU A 551 12.92 11.49 -24.88
CA GLU A 551 13.72 12.50 -24.21
C GLU A 551 14.38 11.96 -22.95
N ILE A 552 13.60 11.26 -22.12
CA ILE A 552 14.19 10.67 -20.91
C ILE A 552 15.18 9.59 -21.27
N SER A 553 14.92 8.84 -22.35
CA SER A 553 15.85 7.79 -22.77
C SER A 553 17.20 8.39 -23.17
N GLN A 554 17.19 9.47 -23.96
CA GLN A 554 18.45 10.07 -24.36
C GLN A 554 19.13 10.79 -23.21
N ALA A 555 18.36 11.39 -22.30
CA ALA A 555 18.96 12.01 -21.12
C ALA A 555 19.66 10.97 -20.25
N PHE A 556 19.02 9.82 -20.03
CA PHE A 556 19.66 8.77 -19.24
C PHE A 556 20.81 8.12 -20.01
N SER A 557 20.73 8.09 -21.34
CA SER A 557 21.85 7.56 -22.13
C SER A 557 23.09 8.44 -21.97
N LYS A 558 22.91 9.76 -22.01
CA LYS A 558 24.07 10.63 -21.78
C LYS A 558 24.47 10.64 -20.31
N ARG A 559 23.53 10.32 -19.41
CA ARG A 559 23.87 10.16 -18.01
C ARG A 559 24.73 8.92 -17.77
N ASN A 560 24.52 7.87 -18.56
CA ASN A 560 25.23 6.61 -18.37
C ASN A 560 26.72 6.71 -18.67
N LYS A 561 27.18 7.82 -19.26
CA LYS A 561 28.59 8.01 -19.60
C LYS A 561 29.09 6.90 -20.53
N ALA A 562 28.26 6.50 -21.48
CA ALA A 562 28.62 5.46 -22.43
C ALA A 562 27.99 5.71 -23.79
#